data_9FUP
#
_entry.id   9FUP
#
_cell.length_a   40.170
_cell.length_b   179.400
_cell.length_c   142.430
_cell.angle_alpha   90.000
_cell.angle_beta   90.000
_cell.angle_gamma   90.000
#
_symmetry.space_group_name_H-M   'C 2 2 21'
#
loop_
_entity.id
_entity.type
_entity.pdbx_description
1 polymer 'Adenosine receptor A2a,Soluble cytochrome b562'
2 non-polymer 'SODIUM ION'
3 non-polymer CHOLESTEROL
4 non-polymer 'OLEIC ACID'
5 non-polymer '(2S)-2,3-dihydroxypropyl (9Z)-octadec-9-enoate'
6 non-polymer '(2R)-2,3-dihydroxypropyl (9Z)-octadec-9-enoate'
7 non-polymer 8-[(~{E})-2-(3,4-dimethoxyphenyl)ethenyl]-1,3-diethyl-7-methyl-purine-2,6-dione
8 water water
#
_entity_poly.entity_id   1
_entity_poly.type   'polypeptide(L)'
_entity_poly.pdbx_seq_one_letter_code
;DYKDDDDGAPPIMGSSVYITVELAIAVLAILGNVLVCWAVWLNSNLQNVTNYFVVSLAAADILVGVLAIPFAITISTGFC
AACHGCLFIACFVLVLAQSSIFSLLAIAIDRYIAIAIPLRYNGLVTGTRAAGIIAICWVLSFAIGLTPMLGWNNCGQPKE
GKAHSQGCGEGQVACLFEDVVPMNYMVYFNFFACVLVPLLLMLGVYLRIFAAARRQLADLEDNWETLNDNLKVIEKADNA
AQVKDALTKMRAAALDAQKATPPKLEDKSPDSPEMKDFRHGFDILVGQIDDALKLANEGKVKEAQAAAEQLKTTRNAYIQ
KYLERARSTLQKEVHAAKSAAIIAGLFALCWLPLHIINCFTFFCPDCSHAPLWLMYLAIVLAHTNSVVNPFIYAYRIREF
RQTFRKIIRSHVLRQQEPFKAAA
;
_entity_poly.pdbx_strand_id   A
#
# COMPACT_ATOMS: atom_id res chain seq x y z
N ALA A 9 38.24 -8.88 -17.51
CA ALA A 9 37.60 -8.98 -18.81
C ALA A 9 37.32 -7.60 -19.37
N PRO A 10 37.25 -7.48 -20.70
CA PRO A 10 36.93 -6.17 -21.31
C PRO A 10 35.62 -5.64 -20.74
N PRO A 11 35.62 -4.42 -20.18
CA PRO A 11 34.42 -3.94 -19.48
C PRO A 11 33.16 -4.05 -20.31
N ILE A 12 33.26 -4.04 -21.64
CA ILE A 12 32.07 -4.01 -22.48
C ILE A 12 31.28 -5.30 -22.34
N MET A 13 31.95 -6.43 -22.09
CA MET A 13 31.24 -7.70 -22.02
C MET A 13 30.30 -7.74 -20.83
N GLY A 14 30.84 -7.55 -19.62
CA GLY A 14 29.97 -7.45 -18.46
C GLY A 14 28.95 -6.33 -18.61
N SER A 15 29.38 -5.20 -19.16
CA SER A 15 28.43 -4.11 -19.42
C SER A 15 27.29 -4.58 -20.31
N SER A 16 27.61 -5.38 -21.35
CA SER A 16 26.58 -5.84 -22.26
C SER A 16 25.50 -6.65 -21.52
N VAL A 17 25.92 -7.49 -20.58
CA VAL A 17 24.96 -8.29 -19.82
C VAL A 17 24.11 -7.39 -18.94
N TYR A 18 24.75 -6.44 -18.24
CA TYR A 18 24.00 -5.52 -17.39
C TYR A 18 23.05 -4.66 -18.21
N ILE A 19 23.52 -4.12 -19.35
CA ILE A 19 22.66 -3.29 -20.18
C ILE A 19 21.49 -4.09 -20.73
N THR A 20 21.76 -5.31 -21.19
CA THR A 20 20.70 -6.13 -21.77
C THR A 20 19.61 -6.42 -20.75
N VAL A 21 19.99 -6.77 -19.52
CA VAL A 21 19.01 -7.04 -18.49
C VAL A 21 18.23 -5.77 -18.14
N GLU A 22 18.93 -4.63 -18.06
CA GLU A 22 18.26 -3.38 -17.76
C GLU A 22 17.21 -3.05 -18.81
N LEU A 23 17.57 -3.17 -20.08
CA LEU A 23 16.61 -2.84 -21.14
C LEU A 23 15.42 -3.79 -21.12
N ALA A 24 15.65 -5.07 -20.85
CA ALA A 24 14.54 -6.01 -20.74
C ALA A 24 13.59 -5.60 -19.63
N ILE A 25 14.15 -5.23 -18.47
CA ILE A 25 13.30 -4.78 -17.36
C ILE A 25 12.52 -3.54 -17.75
N ALA A 26 13.17 -2.62 -18.49
CA ALA A 26 12.49 -1.41 -18.91
C ALA A 26 11.28 -1.73 -19.79
N VAL A 27 11.46 -2.63 -20.75
CA VAL A 27 10.35 -3.02 -21.62
C VAL A 27 9.19 -3.55 -20.79
N LEU A 28 9.47 -4.48 -19.88
CA LEU A 28 8.41 -5.09 -19.08
C LEU A 28 7.74 -4.06 -18.17
N ALA A 29 8.54 -3.18 -17.56
CA ALA A 29 7.98 -2.15 -16.69
C ALA A 29 7.00 -1.26 -17.46
N ILE A 30 7.43 -0.76 -18.61
CA ILE A 30 6.57 0.12 -19.41
C ILE A 30 5.29 -0.60 -19.81
N LEU A 31 5.42 -1.81 -20.37
CA LEU A 31 4.25 -2.53 -20.84
C LEU A 31 3.25 -2.78 -19.71
N GLY A 32 3.71 -3.39 -18.62
CA GLY A 32 2.80 -3.74 -17.55
C GLY A 32 2.10 -2.54 -16.96
N ASN A 33 2.85 -1.49 -16.64
CA ASN A 33 2.27 -0.34 -15.96
C ASN A 33 1.42 0.50 -16.92
N VAL A 34 1.74 0.50 -18.21
CA VAL A 34 0.84 1.13 -19.17
C VAL A 34 -0.49 0.38 -19.19
N LEU A 35 -0.44 -0.94 -19.05
CA LEU A 35 -1.68 -1.73 -19.00
C LEU A 35 -2.51 -1.38 -17.77
N VAL A 36 -1.85 -1.18 -16.62
CA VAL A 36 -2.56 -0.76 -15.42
C VAL A 36 -3.25 0.57 -15.64
N CYS A 37 -2.53 1.53 -16.21
CA CYS A 37 -3.12 2.84 -16.48
C CYS A 37 -4.32 2.72 -17.42
N TRP A 38 -4.18 1.92 -18.48
CA TRP A 38 -5.28 1.75 -19.43
C TRP A 38 -6.48 1.11 -18.78
N ALA A 39 -6.25 0.12 -17.90
CA ALA A 39 -7.35 -0.55 -17.23
C ALA A 39 -8.15 0.43 -16.38
N VAL A 40 -7.46 1.26 -15.59
CA VAL A 40 -8.15 2.22 -14.75
C VAL A 40 -8.87 3.26 -15.61
N TRP A 41 -8.27 3.64 -16.74
CA TRP A 41 -8.85 4.69 -17.57
C TRP A 41 -10.15 4.25 -18.23
N LEU A 42 -10.27 2.97 -18.58
CA LEU A 42 -11.47 2.50 -19.25
C LEU A 42 -12.55 2.04 -18.28
N ASN A 43 -12.19 1.28 -17.25
CA ASN A 43 -13.16 0.67 -16.35
C ASN A 43 -13.52 1.63 -15.24
N SER A 44 -14.81 1.98 -15.15
CA SER A 44 -15.28 2.85 -14.08
C SER A 44 -15.31 2.15 -12.73
N ASN A 45 -15.41 0.82 -12.71
CA ASN A 45 -15.34 0.10 -11.45
C ASN A 45 -13.95 0.18 -10.82
N LEU A 46 -12.93 0.55 -11.61
CA LEU A 46 -11.58 0.73 -11.12
C LEU A 46 -11.24 2.19 -10.84
N GLN A 47 -12.17 3.11 -11.10
CA GLN A 47 -11.91 4.54 -10.92
C GLN A 47 -12.35 4.94 -9.51
N ASN A 48 -11.42 4.82 -8.57
CA ASN A 48 -11.63 5.25 -7.19
C ASN A 48 -10.36 5.92 -6.69
N VAL A 49 -10.40 6.37 -5.44
CA VAL A 49 -9.24 7.05 -4.86
C VAL A 49 -8.06 6.09 -4.76
N THR A 50 -8.30 4.90 -4.20
CA THR A 50 -7.24 3.92 -4.04
C THR A 50 -6.52 3.66 -5.36
N ASN A 51 -7.28 3.47 -6.44
CA ASN A 51 -6.67 3.19 -7.73
C ASN A 51 -6.07 4.44 -8.37
N TYR A 52 -6.40 5.64 -7.87
CA TYR A 52 -5.71 6.83 -8.33
C TYR A 52 -4.28 6.87 -7.80
N PHE A 53 -4.08 6.45 -6.56
CA PHE A 53 -2.72 6.27 -6.06
C PHE A 53 -2.02 5.10 -6.75
N VAL A 54 -2.77 4.08 -7.14
CA VAL A 54 -2.21 2.99 -7.93
C VAL A 54 -1.67 3.52 -9.25
N VAL A 55 -2.40 4.46 -9.86
CA VAL A 55 -1.97 5.00 -11.14
C VAL A 55 -0.77 5.91 -10.97
N SER A 56 -0.73 6.68 -9.87
CA SER A 56 0.45 7.47 -9.57
C SER A 56 1.67 6.58 -9.44
N LEU A 57 1.52 5.44 -8.77
CA LEU A 57 2.62 4.50 -8.64
C LEU A 57 3.00 3.89 -9.98
N ALA A 58 1.99 3.56 -10.81
CA ALA A 58 2.28 3.01 -12.12
C ALA A 58 3.03 4.01 -12.99
N ALA A 59 2.67 5.29 -12.89
CA ALA A 59 3.40 6.32 -13.63
C ALA A 59 4.86 6.37 -13.18
N ALA A 60 5.10 6.25 -11.88
CA ALA A 60 6.48 6.22 -11.39
C ALA A 60 7.25 5.06 -12.01
N ASP A 61 6.64 3.87 -12.10
CA ASP A 61 7.32 2.74 -12.70
C ASP A 61 7.54 2.94 -14.19
N ILE A 62 6.54 3.47 -14.91
CA ILE A 62 6.72 3.79 -16.31
C ILE A 62 7.92 4.69 -16.50
N LEU A 63 8.07 5.69 -15.63
CA LEU A 63 9.21 6.60 -15.72
C LEU A 63 10.51 5.90 -15.36
N VAL A 64 10.46 4.91 -14.47
CA VAL A 64 11.66 4.12 -14.18
C VAL A 64 12.19 3.50 -15.46
N GLY A 65 11.30 2.94 -16.27
CA GLY A 65 11.74 2.31 -17.52
C GLY A 65 12.16 3.32 -18.57
N VAL A 66 11.44 4.43 -18.67
CA VAL A 66 11.71 5.38 -19.76
C VAL A 66 12.91 6.25 -19.44
N LEU A 67 13.14 6.58 -18.16
CA LEU A 67 14.19 7.52 -17.79
C LEU A 67 15.20 6.95 -16.81
N ALA A 68 14.73 6.34 -15.72
CA ALA A 68 15.66 5.92 -14.66
C ALA A 68 16.62 4.86 -15.16
N ILE A 69 16.13 3.90 -15.93
CA ILE A 69 16.96 2.78 -16.40
C ILE A 69 17.94 3.29 -17.45
N PRO A 70 17.49 4.10 -18.42
CA PRO A 70 18.48 4.75 -19.30
C PRO A 70 19.50 5.59 -18.55
N PHE A 71 19.06 6.35 -17.54
CA PHE A 71 20.02 7.09 -16.72
C PHE A 71 21.01 6.14 -16.04
N ALA A 72 20.51 5.03 -15.50
CA ALA A 72 21.39 4.07 -14.83
C ALA A 72 22.42 3.50 -15.79
N ILE A 73 21.98 3.10 -16.98
CA ILE A 73 22.91 2.64 -18.02
C ILE A 73 23.97 3.70 -18.28
N THR A 74 23.53 4.95 -18.44
CA THR A 74 24.45 6.04 -18.75
C THR A 74 25.51 6.20 -17.65
N ILE A 75 25.06 6.33 -16.40
CA ILE A 75 25.99 6.60 -15.31
C ILE A 75 26.89 5.42 -15.00
N SER A 76 26.57 4.22 -15.53
CA SER A 76 27.44 3.07 -15.33
C SER A 76 28.70 3.15 -16.18
N THR A 77 28.68 3.95 -17.25
CA THR A 77 29.84 4.07 -18.13
C THR A 77 30.90 4.99 -17.55
N GLY A 78 30.52 5.94 -16.71
CA GLY A 78 31.47 6.90 -16.18
C GLY A 78 31.80 8.02 -17.15
N PHE A 79 30.90 8.33 -18.07
CA PHE A 79 31.17 9.32 -19.10
C PHE A 79 31.46 10.69 -18.47
N CYS A 80 32.28 11.47 -19.16
CA CYS A 80 32.59 12.82 -18.70
C CYS A 80 31.35 13.70 -18.79
N ALA A 81 31.11 14.47 -17.73
CA ALA A 81 29.93 15.33 -17.70
C ALA A 81 30.13 16.40 -16.64
N ALA A 82 29.37 17.49 -16.79
CA ALA A 82 29.29 18.48 -15.73
C ALA A 82 28.69 17.84 -14.48
N CYS A 83 29.27 18.16 -13.33
CA CYS A 83 28.94 17.42 -12.11
C CYS A 83 27.46 17.55 -11.77
N HIS A 84 26.86 18.71 -12.02
CA HIS A 84 25.45 18.89 -11.68
C HIS A 84 24.52 18.17 -12.65
N GLY A 85 24.88 18.12 -13.93
CA GLY A 85 24.13 17.29 -14.85
C GLY A 85 24.23 15.82 -14.50
N CYS A 86 25.45 15.36 -14.17
CA CYS A 86 25.62 14.00 -13.65
C CYS A 86 24.76 13.77 -12.42
N LEU A 87 24.64 14.79 -11.56
CA LEU A 87 23.85 14.63 -10.34
CA LEU A 87 23.86 14.62 -10.34
C LEU A 87 22.38 14.37 -10.66
N PHE A 88 21.83 15.12 -11.60
CA PHE A 88 20.44 14.89 -12.00
C PHE A 88 20.26 13.48 -12.54
N ILE A 89 21.20 13.04 -13.39
CA ILE A 89 21.17 11.66 -13.89
C ILE A 89 21.11 10.68 -12.73
N ALA A 90 21.83 10.97 -11.65
CA ALA A 90 21.94 10.03 -10.54
C ALA A 90 20.72 10.07 -9.63
N CYS A 91 20.12 11.25 -9.42
CA CYS A 91 19.11 11.44 -8.38
C CYS A 91 17.69 11.34 -8.89
N PHE A 92 17.46 11.35 -10.20
CA PHE A 92 16.09 11.30 -10.70
C PHE A 92 15.38 10.05 -10.24
N VAL A 93 16.11 8.93 -10.14
CA VAL A 93 15.50 7.71 -9.64
C VAL A 93 15.10 7.86 -8.18
N LEU A 94 15.83 8.67 -7.41
CA LEU A 94 15.43 8.96 -6.04
C LEU A 94 14.08 9.66 -6.00
N VAL A 95 13.82 10.54 -6.98
CA VAL A 95 12.52 11.18 -7.07
C VAL A 95 11.43 10.11 -7.27
N LEU A 96 11.65 9.21 -8.24
CA LEU A 96 10.64 8.21 -8.54
C LEU A 96 10.43 7.27 -7.36
N ALA A 97 11.51 6.89 -6.66
CA ALA A 97 11.37 6.03 -5.50
C ALA A 97 10.56 6.71 -4.40
N GLN A 98 10.84 8.00 -4.15
CA GLN A 98 10.11 8.70 -3.11
C GLN A 98 8.64 8.83 -3.46
N SER A 99 8.35 9.10 -4.73
CA SER A 99 6.96 9.13 -5.17
C SER A 99 6.28 7.80 -4.90
N SER A 100 6.95 6.68 -5.20
CA SER A 100 6.40 5.37 -4.90
C SER A 100 6.08 5.23 -3.41
N ILE A 101 7.01 5.67 -2.55
CA ILE A 101 6.80 5.55 -1.11
C ILE A 101 5.56 6.33 -0.68
N PHE A 102 5.39 7.55 -1.20
CA PHE A 102 4.22 8.34 -0.84
C PHE A 102 2.93 7.68 -1.31
N SER A 103 2.93 7.14 -2.54
CA SER A 103 1.75 6.47 -3.04
C SER A 103 1.40 5.24 -2.20
N LEU A 104 2.42 4.47 -1.80
CA LEU A 104 2.18 3.30 -0.96
C LEU A 104 1.61 3.69 0.39
N LEU A 105 2.22 4.71 1.03
CA LEU A 105 1.70 5.18 2.30
C LEU A 105 0.28 5.69 2.16
N ALA A 106 -0.01 6.39 1.06
CA ALA A 106 -1.37 6.89 0.85
C ALA A 106 -2.37 5.74 0.71
N ILE A 107 -1.99 4.69 0.00
CA ILE A 107 -2.87 3.54 -0.16
C ILE A 107 -3.12 2.90 1.21
N ALA A 108 -2.06 2.70 1.99
CA ALA A 108 -2.22 2.11 3.32
C ALA A 108 -3.17 2.94 4.17
N ILE A 109 -3.01 4.25 4.17
CA ILE A 109 -3.88 5.12 4.95
C ILE A 109 -5.31 5.07 4.43
N ASP A 110 -5.46 5.08 3.11
CA ASP A 110 -6.80 5.00 2.52
C ASP A 110 -7.52 3.73 2.96
N ARG A 111 -6.81 2.60 2.95
CA ARG A 111 -7.42 1.34 3.39
C ARG A 111 -7.78 1.39 4.86
N TYR A 112 -6.90 1.98 5.69
CA TYR A 112 -7.19 2.08 7.11
C TYR A 112 -8.44 2.91 7.35
N ILE A 113 -8.60 4.02 6.64
CA ILE A 113 -9.80 4.82 6.77
C ILE A 113 -11.03 4.03 6.31
N ALA A 114 -10.86 3.21 5.27
CA ALA A 114 -11.99 2.47 4.73
C ALA A 114 -12.54 1.46 5.73
N ILE A 115 -11.67 0.87 6.55
CA ILE A 115 -12.08 -0.14 7.52
C ILE A 115 -12.31 0.46 8.90
N ALA A 116 -11.49 1.44 9.29
CA ALA A 116 -11.68 2.07 10.60
C ALA A 116 -12.97 2.88 10.63
N ILE A 117 -13.19 3.74 9.64
CA ILE A 117 -14.42 4.50 9.55
C ILE A 117 -15.05 4.28 8.17
N PRO A 118 -15.86 3.23 8.00
CA PRO A 118 -16.57 3.07 6.72
C PRO A 118 -17.65 4.12 6.50
N LEU A 119 -18.15 4.76 7.56
CA LEU A 119 -19.26 5.68 7.41
C LEU A 119 -18.82 6.96 6.69
N ARG A 120 -17.79 7.61 7.19
CA ARG A 120 -17.34 8.90 6.68
C ARG A 120 -16.23 8.78 5.65
N TYR A 121 -15.90 7.57 5.21
CA TYR A 121 -14.84 7.41 4.21
C TYR A 121 -15.24 8.08 2.90
N ASN A 122 -16.51 7.96 2.51
CA ASN A 122 -16.94 8.52 1.23
C ASN A 122 -16.82 10.05 1.21
N GLY A 123 -16.96 10.70 2.36
CA GLY A 123 -16.87 12.15 2.43
C GLY A 123 -15.50 12.64 2.82
N LEU A 124 -14.80 11.85 3.64
CA LEU A 124 -13.45 12.23 4.04
C LEU A 124 -12.46 12.04 2.90
N VAL A 125 -12.61 10.97 2.14
CA VAL A 125 -11.68 10.62 1.06
C VAL A 125 -12.42 10.77 -0.26
N THR A 126 -11.99 11.71 -1.08
CA THR A 126 -12.60 11.98 -2.38
C THR A 126 -11.51 12.15 -3.42
N GLY A 127 -11.92 12.07 -4.70
CA GLY A 127 -10.97 12.10 -5.78
C GLY A 127 -10.30 13.44 -5.97
N THR A 128 -10.99 14.53 -5.61
CA THR A 128 -10.40 15.86 -5.78
C THR A 128 -9.23 16.05 -4.83
N ARG A 129 -9.47 15.83 -3.53
CA ARG A 129 -8.38 15.87 -2.57
C ARG A 129 -7.30 14.85 -2.92
N ALA A 130 -7.68 13.72 -3.53
CA ALA A 130 -6.70 12.72 -3.90
C ALA A 130 -5.75 13.26 -4.97
N ALA A 131 -6.31 13.92 -6.00
CA ALA A 131 -5.46 14.52 -7.03
C ALA A 131 -4.53 15.57 -6.42
N GLY A 132 -5.04 16.38 -5.51
CA GLY A 132 -4.18 17.36 -4.84
C GLY A 132 -3.09 16.71 -4.03
N ILE A 133 -3.42 15.63 -3.31
CA ILE A 133 -2.42 14.92 -2.53
C ILE A 133 -1.35 14.35 -3.46
N ILE A 134 -1.77 13.75 -4.58
CA ILE A 134 -0.80 13.17 -5.52
C ILE A 134 0.14 14.24 -6.05
N ALA A 135 -0.42 15.39 -6.43
CA ALA A 135 0.42 16.50 -6.90
C ALA A 135 1.45 16.89 -5.85
N ILE A 136 0.99 17.15 -4.62
CA ILE A 136 1.91 17.52 -3.55
C ILE A 136 2.99 16.46 -3.39
N CYS A 137 2.61 15.19 -3.42
CA CYS A 137 3.58 14.12 -3.20
C CYS A 137 4.67 14.12 -4.27
N TRP A 138 4.28 14.38 -5.53
CA TRP A 138 5.29 14.43 -6.59
C TRP A 138 6.22 15.63 -6.41
N VAL A 139 5.68 16.77 -5.98
CA VAL A 139 6.54 17.93 -5.74
C VAL A 139 7.54 17.63 -4.64
N LEU A 140 7.06 17.05 -3.52
CA LEU A 140 7.96 16.71 -2.43
C LEU A 140 8.96 15.62 -2.85
N SER A 141 8.55 14.72 -3.75
CA SER A 141 9.48 13.70 -4.22
C SER A 141 10.62 14.32 -5.03
N PHE A 142 10.29 15.30 -5.88
CA PHE A 142 11.33 16.05 -6.57
C PHE A 142 12.24 16.79 -5.61
N ALA A 143 11.66 17.36 -4.55
CA ALA A 143 12.46 18.08 -3.55
C ALA A 143 13.40 17.13 -2.83
N ILE A 144 12.87 16.02 -2.31
CA ILE A 144 13.69 15.06 -1.58
C ILE A 144 14.76 14.47 -2.50
N GLY A 145 14.33 13.90 -3.63
CA GLY A 145 15.27 13.20 -4.49
C GLY A 145 16.39 14.08 -4.99
N LEU A 146 16.07 15.32 -5.36
CA LEU A 146 17.04 16.24 -5.94
C LEU A 146 17.66 17.16 -4.90
N THR A 147 17.52 16.85 -3.61
CA THR A 147 18.15 17.64 -2.56
C THR A 147 19.66 17.79 -2.77
N PRO A 148 20.39 16.78 -3.22
CA PRO A 148 21.83 17.00 -3.51
C PRO A 148 22.07 18.16 -4.45
N MET A 149 21.21 18.36 -5.45
CA MET A 149 21.40 19.46 -6.38
CA MET A 149 21.39 19.46 -6.39
C MET A 149 21.41 20.81 -5.68
N LEU A 150 20.88 20.89 -4.47
CA LEU A 150 20.85 22.15 -3.72
C LEU A 150 22.13 22.42 -2.94
N GLY A 151 23.11 21.53 -3.00
CA GLY A 151 24.38 21.79 -2.35
C GLY A 151 24.97 20.59 -1.64
N TRP A 152 24.13 19.61 -1.32
CA TRP A 152 24.58 18.41 -0.62
C TRP A 152 25.08 17.39 -1.65
N ASN A 153 26.24 17.70 -2.21
CA ASN A 153 26.86 16.85 -3.23
C ASN A 153 28.37 16.92 -3.08
N ASN A 154 29.07 16.16 -3.92
CA ASN A 154 30.53 16.11 -3.93
C ASN A 154 31.13 16.85 -5.11
N CYS A 155 30.36 17.76 -5.73
CA CYS A 155 30.91 18.53 -6.84
C CYS A 155 32.03 19.46 -6.37
N GLY A 156 32.01 19.86 -5.10
CA GLY A 156 33.04 20.74 -4.58
C GLY A 156 34.38 20.06 -4.42
N GLN A 157 34.42 18.74 -4.39
CA GLN A 157 35.65 17.97 -4.24
C GLN A 157 35.70 16.89 -5.31
N PRO A 158 35.83 17.28 -6.58
CA PRO A 158 35.88 16.27 -7.66
C PRO A 158 37.13 15.40 -7.57
N LYS A 159 37.06 14.26 -8.23
CA LYS A 159 38.19 13.35 -8.36
C LYS A 159 38.96 13.74 -9.62
N GLU A 160 39.90 14.67 -9.46
CA GLU A 160 40.58 15.24 -10.62
C GLU A 160 41.36 14.18 -11.40
N GLY A 161 41.99 13.25 -10.68
CA GLY A 161 42.77 12.23 -11.37
C GLY A 161 41.93 11.36 -12.28
N LYS A 162 40.81 10.85 -11.75
CA LYS A 162 39.91 10.03 -12.55
C LYS A 162 39.28 10.82 -13.70
N ALA A 163 39.18 12.15 -13.57
CA ALA A 163 38.70 12.97 -14.66
C ALA A 163 39.76 13.13 -15.74
N HIS A 164 41.03 13.28 -15.34
CA HIS A 164 42.11 13.43 -16.32
C HIS A 164 42.39 12.10 -17.02
N SER A 165 42.31 10.99 -16.29
CA SER A 165 42.61 9.70 -16.89
C SER A 165 41.64 9.38 -18.03
N GLN A 166 40.39 9.82 -17.91
CA GLN A 166 39.40 9.66 -18.97
C GLN A 166 39.38 10.84 -19.94
N GLY A 167 40.27 11.80 -19.77
CA GLY A 167 40.32 12.94 -20.67
C GLY A 167 39.13 13.85 -20.58
N CYS A 168 38.54 13.99 -19.39
CA CYS A 168 37.41 14.91 -19.24
C CYS A 168 37.89 16.35 -19.29
N GLY A 169 37.09 17.20 -19.93
CA GLY A 169 37.44 18.61 -20.05
C GLY A 169 37.42 19.32 -18.71
N GLU A 170 37.88 20.56 -18.73
CA GLU A 170 37.88 21.38 -17.53
C GLU A 170 36.45 21.56 -17.02
N GLY A 171 36.26 21.32 -15.73
CA GLY A 171 34.94 21.43 -15.12
C GLY A 171 34.10 20.18 -15.22
N GLN A 172 34.60 19.12 -15.86
CA GLN A 172 33.87 17.87 -16.00
C GLN A 172 34.42 16.83 -15.01
N VAL A 173 33.62 15.80 -14.78
CA VAL A 173 34.00 14.68 -13.92
C VAL A 173 33.52 13.39 -14.56
N ALA A 174 34.17 12.30 -14.18
CA ALA A 174 33.70 10.97 -14.55
C ALA A 174 32.38 10.71 -13.81
N CYS A 175 31.28 10.66 -14.56
CA CYS A 175 29.95 10.59 -13.96
C CYS A 175 29.75 9.22 -13.33
N LEU A 176 29.96 9.14 -12.02
CA LEU A 176 29.79 7.91 -11.26
C LEU A 176 28.95 8.23 -10.02
N PHE A 177 28.03 7.32 -9.69
CA PHE A 177 27.05 7.60 -8.64
C PHE A 177 27.74 7.95 -7.33
N GLU A 178 28.54 7.01 -6.80
CA GLU A 178 29.16 7.21 -5.49
C GLU A 178 30.19 8.33 -5.50
N ASP A 179 30.56 8.85 -6.67
CA ASP A 179 31.53 9.94 -6.72
C ASP A 179 30.86 11.30 -6.53
N VAL A 180 29.61 11.45 -6.98
CA VAL A 180 28.93 12.73 -6.90
C VAL A 180 27.86 12.77 -5.81
N VAL A 181 27.19 11.66 -5.53
CA VAL A 181 26.14 11.60 -4.52
C VAL A 181 26.79 11.27 -3.18
N PRO A 182 26.67 12.12 -2.17
CA PRO A 182 27.27 11.79 -0.87
C PRO A 182 26.59 10.58 -0.25
N MET A 183 27.36 9.77 0.44
CA MET A 183 26.81 8.56 1.03
C MET A 183 26.07 8.85 2.33
N ASN A 184 26.45 9.90 3.05
CA ASN A 184 25.70 10.28 4.24
C ASN A 184 24.29 10.73 3.88
N TYR A 185 24.10 11.31 2.70
CA TYR A 185 22.76 11.62 2.23
C TYR A 185 21.98 10.34 1.97
N MET A 186 22.60 9.39 1.26
CA MET A 186 21.90 8.16 0.89
C MET A 186 21.51 7.34 2.12
N VAL A 187 22.35 7.36 3.16
CA VAL A 187 22.13 6.53 4.34
C VAL A 187 21.23 7.26 5.34
N TYR A 188 21.68 8.43 5.80
CA TYR A 188 20.93 9.14 6.83
C TYR A 188 19.66 9.77 6.26
N PHE A 189 19.81 10.55 5.19
CA PHE A 189 18.67 11.32 4.68
C PHE A 189 17.73 10.45 3.86
N ASN A 190 18.25 9.79 2.83
CA ASN A 190 17.38 9.06 1.91
C ASN A 190 16.86 7.77 2.55
N PHE A 191 17.77 6.91 3.01
CA PHE A 191 17.36 5.58 3.47
C PHE A 191 16.66 5.66 4.83
N PHE A 192 17.37 6.10 5.86
CA PHE A 192 16.80 6.11 7.21
C PHE A 192 15.56 6.99 7.27
N ALA A 193 15.70 8.26 6.89
CA ALA A 193 14.63 9.22 7.15
C ALA A 193 13.52 9.13 6.11
N CYS A 194 13.85 8.92 4.84
CA CYS A 194 12.89 9.07 3.75
C CYS A 194 12.40 7.74 3.19
N VAL A 195 13.04 6.62 3.50
CA VAL A 195 12.61 5.30 3.02
C VAL A 195 12.19 4.41 4.18
N LEU A 196 13.07 4.23 5.17
CA LEU A 196 12.81 3.27 6.23
C LEU A 196 11.71 3.76 7.15
N VAL A 197 11.72 5.04 7.53
CA VAL A 197 10.67 5.56 8.40
C VAL A 197 9.29 5.42 7.77
N PRO A 198 9.06 5.90 6.53
CA PRO A 198 7.74 5.64 5.90
C PRO A 198 7.37 4.17 5.88
N LEU A 199 8.32 3.28 5.58
CA LEU A 199 7.99 1.86 5.51
C LEU A 199 7.53 1.33 6.87
N LEU A 200 8.25 1.69 7.93
CA LEU A 200 7.81 1.29 9.27
C LEU A 200 6.45 1.87 9.62
N LEU A 201 6.16 3.09 9.14
CA LEU A 201 4.83 3.65 9.31
C LEU A 201 3.79 2.80 8.60
N MET A 202 4.06 2.43 7.35
CA MET A 202 3.15 1.54 6.63
C MET A 202 2.92 0.25 7.43
N LEU A 203 3.99 -0.31 7.98
CA LEU A 203 3.86 -1.53 8.78
C LEU A 203 2.87 -1.32 9.93
N GLY A 204 3.02 -0.22 10.66
CA GLY A 204 2.09 0.07 11.73
C GLY A 204 0.67 0.27 11.24
N VAL A 205 0.52 0.95 10.10
CA VAL A 205 -0.82 1.18 9.55
C VAL A 205 -1.50 -0.15 9.25
N TYR A 206 -0.79 -1.05 8.55
CA TYR A 206 -1.39 -2.32 8.18
C TYR A 206 -1.63 -3.20 9.40
N LEU A 207 -0.83 -3.08 10.45
CA LEU A 207 -1.13 -3.78 11.69
C LEU A 207 -2.43 -3.27 12.28
N ARG A 208 -2.61 -1.94 12.32
CA ARG A 208 -3.88 -1.37 12.76
C ARG A 208 -5.03 -1.88 11.90
N ILE A 209 -4.81 -1.97 10.58
CA ILE A 209 -5.86 -2.44 9.68
C ILE A 209 -6.30 -3.84 10.06
N PHE A 210 -5.35 -4.78 10.07
CA PHE A 210 -5.71 -6.18 10.31
C PHE A 210 -6.23 -6.37 11.73
N ALA A 211 -5.65 -5.65 12.70
CA ALA A 211 -6.17 -5.71 14.06
C ALA A 211 -7.63 -5.24 14.10
N ALA A 212 -7.92 -4.13 13.43
CA ALA A 212 -9.30 -3.64 13.37
C ALA A 212 -10.22 -4.70 12.77
N ALA A 213 -9.90 -5.17 11.56
CA ALA A 213 -10.75 -6.15 10.90
C ALA A 213 -11.01 -7.36 11.78
N ARG A 214 -9.97 -7.86 12.45
CA ARG A 214 -10.16 -8.98 13.37
C ARG A 214 -11.11 -8.61 14.49
N ARG A 215 -10.97 -7.41 15.04
CA ARG A 215 -11.85 -6.99 16.13
C ARG A 215 -13.30 -6.88 15.66
N GLN A 216 -13.51 -6.42 14.43
CA GLN A 216 -14.88 -6.26 13.94
C GLN A 216 -15.51 -7.62 13.64
N LEU A 217 -14.74 -8.55 13.09
CA LEU A 217 -15.24 -9.92 12.91
C LEU A 217 -15.61 -10.53 14.25
N ALA A 218 -14.76 -10.33 15.27
CA ALA A 218 -15.07 -10.84 16.60
C ALA A 218 -16.34 -10.20 17.15
N ASP A 219 -16.53 -8.90 16.90
CA ASP A 219 -17.73 -8.23 17.38
C ASP A 219 -18.98 -8.79 16.70
N LEU A 220 -18.89 -9.05 15.39
CA LEU A 220 -20.04 -9.61 14.68
C LEU A 220 -20.42 -10.97 15.25
N GLU A 221 -19.45 -11.88 15.36
CA GLU A 221 -19.74 -13.19 15.93
C GLU A 221 -20.21 -13.09 17.38
N ASP A 222 -19.69 -12.12 18.13
CA ASP A 222 -20.15 -11.94 19.50
C ASP A 222 -21.62 -11.52 19.54
N ASN A 223 -22.02 -10.58 18.67
CA ASN A 223 -23.41 -10.14 18.66
C ASN A 223 -24.34 -11.25 18.20
N TRP A 224 -23.89 -12.10 17.28
CA TRP A 224 -24.69 -13.26 16.89
C TRP A 224 -24.81 -14.25 18.04
N GLU A 225 -23.71 -14.49 18.76
CA GLU A 225 -23.74 -15.46 19.85
C GLU A 225 -24.62 -14.97 21.00
N THR A 226 -24.52 -13.70 21.36
CA THR A 226 -25.35 -13.18 22.44
C THR A 226 -26.84 -13.23 22.07
N LEU A 227 -27.15 -12.99 20.79
CA LEU A 227 -28.56 -13.01 20.37
C LEU A 227 -29.14 -14.41 20.45
N ASN A 228 -28.32 -15.44 20.24
CA ASN A 228 -28.81 -16.82 20.35
C ASN A 228 -28.79 -17.31 21.79
N ASP A 229 -27.79 -16.92 22.56
CA ASP A 229 -27.69 -17.40 23.94
C ASP A 229 -28.81 -16.82 24.80
N ASN A 230 -29.09 -15.52 24.65
CA ASN A 230 -30.20 -14.92 25.38
C ASN A 230 -31.54 -15.51 24.93
N LEU A 231 -31.61 -16.01 23.69
CA LEU A 231 -32.80 -16.75 23.28
C LEU A 231 -32.99 -18.00 24.12
N LYS A 232 -31.92 -18.77 24.29
CA LYS A 232 -31.98 -19.94 25.17
C LYS A 232 -32.35 -19.54 26.59
N VAL A 233 -31.81 -18.42 27.07
CA VAL A 233 -32.15 -17.93 28.40
C VAL A 233 -33.65 -17.67 28.50
N ILE A 234 -34.22 -17.03 27.48
CA ILE A 234 -35.64 -16.73 27.49
C ILE A 234 -36.46 -18.01 27.48
N GLU A 235 -35.99 -19.02 26.75
CA GLU A 235 -36.70 -20.30 26.71
C GLU A 235 -36.80 -20.90 28.11
N LYS A 236 -35.66 -21.18 28.73
CA LYS A 236 -35.62 -21.92 29.99
C LYS A 236 -35.97 -21.07 31.21
N ALA A 237 -36.31 -19.80 31.01
CA ALA A 237 -36.63 -18.95 32.15
C ALA A 237 -37.89 -19.46 32.87
N ASP A 238 -38.07 -18.98 34.10
CA ASP A 238 -39.19 -19.40 34.93
C ASP A 238 -40.03 -18.26 35.48
N ASN A 239 -39.53 -17.03 35.50
CA ASN A 239 -40.29 -15.88 35.97
C ASN A 239 -40.13 -14.73 35.00
N ALA A 240 -41.03 -13.74 35.12
CA ALA A 240 -41.04 -12.62 34.19
C ALA A 240 -39.77 -11.80 34.27
N ALA A 241 -39.19 -11.66 35.47
CA ALA A 241 -38.02 -10.81 35.63
C ALA A 241 -36.82 -11.37 34.87
N GLN A 242 -36.66 -12.69 34.87
CA GLN A 242 -35.54 -13.30 34.16
C GLN A 242 -35.69 -13.11 32.65
N VAL A 243 -36.91 -13.35 32.13
CA VAL A 243 -37.18 -13.06 30.72
C VAL A 243 -36.85 -11.60 30.42
N LYS A 244 -37.23 -10.69 31.31
CA LYS A 244 -36.93 -9.28 31.11
C LYS A 244 -35.42 -9.05 31.05
N ASP A 245 -34.66 -9.75 31.89
CA ASP A 245 -33.21 -9.63 31.86
C ASP A 245 -32.66 -9.96 30.47
N ALA A 246 -33.00 -11.13 29.95
CA ALA A 246 -32.49 -11.56 28.64
C ALA A 246 -32.91 -10.60 27.54
N LEU A 247 -34.16 -10.13 27.58
CA LEU A 247 -34.66 -9.29 26.50
C LEU A 247 -34.03 -7.91 26.52
N THR A 248 -33.83 -7.33 27.71
CA THR A 248 -33.15 -6.04 27.79
C THR A 248 -31.75 -6.12 27.19
N LYS A 249 -31.00 -7.17 27.54
CA LYS A 249 -29.71 -7.40 26.91
C LYS A 249 -29.86 -7.52 25.40
N MET A 250 -30.89 -8.25 24.95
CA MET A 250 -31.13 -8.37 23.52
C MET A 250 -31.32 -7.01 22.86
N ARG A 251 -32.25 -6.21 23.41
CA ARG A 251 -32.60 -4.95 22.76
C ARG A 251 -31.38 -4.06 22.60
N ALA A 252 -30.54 -3.99 23.63
CA ALA A 252 -29.30 -3.21 23.53
C ALA A 252 -28.40 -3.77 22.43
N ALA A 253 -28.24 -5.09 22.38
CA ALA A 253 -27.44 -5.71 21.34
C ALA A 253 -28.02 -5.46 19.95
N ALA A 254 -29.35 -5.32 19.86
CA ALA A 254 -29.97 -5.11 18.56
C ALA A 254 -29.69 -3.70 18.03
N LEU A 255 -29.98 -2.68 18.83
CA LEU A 255 -29.65 -1.31 18.44
C LEU A 255 -28.15 -1.11 18.28
N ASP A 256 -27.34 -1.98 18.88
CA ASP A 256 -25.89 -1.90 18.73
C ASP A 256 -25.45 -2.44 17.38
N ALA A 257 -25.86 -3.67 17.05
CA ALA A 257 -25.46 -4.26 15.77
C ALA A 257 -26.00 -3.46 14.60
N GLN A 258 -27.15 -2.80 14.77
CA GLN A 258 -27.72 -2.02 13.69
C GLN A 258 -26.75 -0.97 13.18
N LYS A 259 -25.84 -0.48 14.02
CA LYS A 259 -24.95 0.61 13.63
C LYS A 259 -23.83 0.16 12.71
N ALA A 260 -23.05 -0.83 13.15
CA ALA A 260 -21.92 -1.36 12.38
C ALA A 260 -22.38 -2.35 11.33
N HIS A 280 -34.00 -2.68 6.98
CA HIS A 280 -35.29 -2.49 7.62
C HIS A 280 -35.73 -3.75 8.37
N GLY A 281 -34.92 -4.81 8.31
CA GLY A 281 -35.23 -6.01 9.05
C GLY A 281 -35.04 -5.84 10.54
N PHE A 282 -34.03 -5.05 10.94
CA PHE A 282 -33.82 -4.77 12.35
C PHE A 282 -35.06 -4.17 12.98
N ASP A 283 -35.71 -3.22 12.29
CA ASP A 283 -36.96 -2.65 12.77
C ASP A 283 -37.89 -3.74 13.31
N ILE A 284 -38.07 -4.82 12.54
CA ILE A 284 -38.90 -5.93 13.02
C ILE A 284 -38.31 -6.49 14.30
N LEU A 285 -37.00 -6.76 14.30
CA LEU A 285 -36.34 -7.36 15.45
C LEU A 285 -36.58 -6.55 16.72
N VAL A 286 -36.07 -5.31 16.76
CA VAL A 286 -36.25 -4.48 17.95
C VAL A 286 -37.72 -4.40 18.33
N GLY A 287 -38.60 -4.31 17.34
CA GLY A 287 -40.03 -4.26 17.64
C GLY A 287 -40.49 -5.50 18.38
N GLN A 288 -40.08 -6.68 17.90
CA GLN A 288 -40.50 -7.92 18.54
C GLN A 288 -39.92 -8.03 19.95
N ILE A 289 -38.70 -7.53 20.16
CA ILE A 289 -38.15 -7.49 21.51
C ILE A 289 -39.02 -6.61 22.40
N ASP A 290 -39.46 -5.46 21.87
CA ASP A 290 -40.32 -4.58 22.65
C ASP A 290 -41.65 -5.25 23.00
N ASP A 291 -42.22 -5.99 22.06
CA ASP A 291 -43.44 -6.72 22.33
C ASP A 291 -43.24 -7.70 23.50
N ALA A 292 -42.21 -8.53 23.41
CA ALA A 292 -41.94 -9.50 24.46
C ALA A 292 -41.59 -8.83 25.78
N LEU A 293 -40.88 -7.69 25.72
CA LEU A 293 -40.49 -7.01 26.96
C LEU A 293 -41.68 -6.37 27.64
N LYS A 294 -42.61 -5.79 26.86
CA LYS A 294 -43.83 -5.24 27.44
C LYS A 294 -44.65 -6.34 28.10
N LEU A 295 -44.80 -7.47 27.40
CA LEU A 295 -45.58 -8.57 27.96
C LEU A 295 -44.89 -9.19 29.16
N ALA A 296 -43.56 -9.14 29.22
CA ALA A 296 -42.85 -9.60 30.40
C ALA A 296 -43.00 -8.61 31.57
N ASN A 297 -43.14 -7.33 31.25
CA ASN A 297 -43.42 -6.34 32.29
C ASN A 297 -44.83 -6.48 32.86
N GLU A 298 -45.75 -7.09 32.11
CA GLU A 298 -47.10 -7.33 32.57
C GLU A 298 -47.22 -8.60 33.39
N GLY A 299 -46.11 -9.26 33.72
CA GLY A 299 -46.16 -10.52 34.43
C GLY A 299 -46.67 -11.69 33.62
N LYS A 300 -46.92 -11.49 32.33
CA LYS A 300 -47.37 -12.57 31.45
C LYS A 300 -46.12 -13.32 30.99
N VAL A 301 -45.59 -14.16 31.88
CA VAL A 301 -44.35 -14.85 31.58
C VAL A 301 -44.52 -15.68 30.30
N LYS A 302 -45.37 -16.71 30.36
CA LYS A 302 -45.48 -17.68 29.28
C LYS A 302 -45.66 -17.04 27.91
N GLU A 303 -46.66 -16.16 27.76
CA GLU A 303 -46.86 -15.53 26.45
C GLU A 303 -45.65 -14.71 26.03
N ALA A 304 -44.77 -14.34 26.98
CA ALA A 304 -43.56 -13.61 26.62
C ALA A 304 -42.51 -14.50 25.96
N GLN A 305 -42.42 -15.77 26.36
CA GLN A 305 -41.49 -16.67 25.66
C GLN A 305 -41.99 -16.92 24.24
N ALA A 306 -43.30 -17.07 24.07
CA ALA A 306 -43.87 -17.22 22.73
C ALA A 306 -43.55 -16.01 21.87
N ALA A 307 -43.78 -14.81 22.41
CA ALA A 307 -43.47 -13.59 21.67
C ALA A 307 -41.98 -13.48 21.40
N ALA A 308 -41.14 -14.00 22.29
CA ALA A 308 -39.70 -14.01 22.04
C ALA A 308 -39.31 -15.12 21.06
N GLU A 309 -40.05 -16.23 21.04
CA GLU A 309 -39.79 -17.29 20.09
C GLU A 309 -40.06 -16.86 18.66
N GLN A 310 -40.89 -15.82 18.47
CA GLN A 310 -41.08 -15.25 17.15
C GLN A 310 -39.74 -14.78 16.57
N LEU A 311 -38.81 -14.42 17.44
CA LEU A 311 -37.55 -13.83 17.00
C LEU A 311 -36.75 -14.78 16.12
N LYS A 312 -36.95 -16.10 16.28
CA LYS A 312 -36.24 -17.05 15.44
C LYS A 312 -36.53 -16.81 13.96
N THR A 313 -37.77 -16.47 13.63
CA THR A 313 -38.13 -16.15 12.25
C THR A 313 -37.32 -14.97 11.74
N THR A 314 -37.41 -13.83 12.45
CA THR A 314 -36.68 -12.65 12.02
C THR A 314 -35.18 -12.93 11.91
N ARG A 315 -34.66 -13.78 12.80
CA ARG A 315 -33.23 -14.11 12.76
C ARG A 315 -32.88 -14.88 11.49
N ASN A 316 -33.67 -15.90 11.16
CA ASN A 316 -33.33 -16.78 10.05
C ASN A 316 -33.46 -16.07 8.70
N ALA A 317 -34.34 -15.06 8.61
CA ALA A 317 -34.63 -14.35 7.37
C ALA A 317 -33.91 -13.00 7.24
N TYR A 318 -33.40 -12.44 8.33
CA TYR A 318 -32.90 -11.08 8.25
C TYR A 318 -31.56 -10.94 8.97
N ILE A 319 -31.45 -11.48 10.18
CA ILE A 319 -30.23 -11.27 10.97
C ILE A 319 -29.13 -12.22 10.52
N GLN A 320 -29.47 -13.37 9.94
CA GLN A 320 -28.43 -14.25 9.39
C GLN A 320 -27.85 -13.66 8.11
N LYS A 321 -28.71 -13.13 7.24
CA LYS A 321 -28.25 -12.55 5.98
C LYS A 321 -27.34 -11.35 6.24
N TYR A 322 -27.68 -10.54 7.24
CA TYR A 322 -26.84 -9.39 7.57
C TYR A 322 -25.48 -9.85 8.09
N LEU A 323 -25.46 -10.81 9.01
CA LEU A 323 -24.20 -11.33 9.51
C LEU A 323 -23.32 -11.82 8.37
N GLU A 324 -23.89 -12.60 7.45
CA GLU A 324 -23.08 -13.16 6.37
C GLU A 324 -22.60 -12.07 5.41
N ARG A 325 -23.47 -11.13 5.05
CA ARG A 325 -23.05 -10.06 4.16
C ARG A 325 -21.95 -9.21 4.78
N ALA A 326 -22.08 -8.90 6.06
CA ALA A 326 -21.07 -8.07 6.72
C ALA A 326 -19.75 -8.82 6.83
N ARG A 327 -19.79 -10.09 7.26
CA ARG A 327 -18.56 -10.88 7.32
C ARG A 327 -17.90 -10.94 5.95
N SER A 328 -18.70 -11.08 4.88
CA SER A 328 -18.14 -11.13 3.54
C SER A 328 -17.45 -9.83 3.18
N THR A 329 -18.08 -8.69 3.48
CA THR A 329 -17.49 -7.41 3.14
C THR A 329 -16.18 -7.18 3.88
N LEU A 330 -16.12 -7.58 5.15
CA LEU A 330 -14.89 -7.40 5.92
C LEU A 330 -13.79 -8.32 5.42
N GLN A 331 -14.12 -9.57 5.09
CA GLN A 331 -13.15 -10.46 4.49
C GLN A 331 -12.61 -9.86 3.19
N LYS A 332 -13.47 -9.17 2.44
CA LYS A 332 -13.03 -8.51 1.21
C LYS A 332 -12.05 -7.40 1.53
N GLU A 333 -12.38 -6.54 2.50
CA GLU A 333 -11.46 -5.47 2.87
C GLU A 333 -10.12 -6.03 3.32
N VAL A 334 -10.14 -7.14 4.07
CA VAL A 334 -8.89 -7.78 4.46
C VAL A 334 -8.11 -8.22 3.23
N HIS A 335 -8.79 -8.82 2.26
CA HIS A 335 -8.11 -9.27 1.04
C HIS A 335 -7.47 -8.09 0.32
N ALA A 336 -8.22 -7.01 0.15
CA ALA A 336 -7.67 -5.83 -0.53
C ALA A 336 -6.49 -5.25 0.23
N ALA A 337 -6.58 -5.20 1.56
CA ALA A 337 -5.46 -4.70 2.35
C ALA A 337 -4.26 -5.61 2.24
N LYS A 338 -4.48 -6.92 2.19
CA LYS A 338 -3.37 -7.86 2.01
C LYS A 338 -2.67 -7.64 0.68
N SER A 339 -3.44 -7.40 -0.39
CA SER A 339 -2.85 -7.13 -1.68
C SER A 339 -1.98 -5.86 -1.63
N ALA A 340 -2.50 -4.80 -1.01
CA ALA A 340 -1.73 -3.57 -0.91
C ALA A 340 -0.47 -3.77 -0.08
N ALA A 341 -0.58 -4.54 1.02
CA ALA A 341 0.60 -4.80 1.84
C ALA A 341 1.62 -5.64 1.11
N ILE A 342 1.17 -6.55 0.23
CA ILE A 342 2.10 -7.35 -0.57
C ILE A 342 2.95 -6.44 -1.45
N ILE A 343 2.31 -5.45 -2.09
CA ILE A 343 3.04 -4.55 -2.97
C ILE A 343 4.01 -3.70 -2.16
N ALA A 344 3.59 -3.23 -0.98
CA ALA A 344 4.49 -2.46 -0.14
C ALA A 344 5.68 -3.31 0.29
N GLY A 345 5.42 -4.55 0.73
CA GLY A 345 6.50 -5.43 1.14
C GLY A 345 7.45 -5.78 0.00
N LEU A 346 6.91 -5.95 -1.21
CA LEU A 346 7.77 -6.24 -2.36
C LEU A 346 8.64 -5.04 -2.68
N PHE A 347 8.10 -3.82 -2.56
CA PHE A 347 8.91 -2.62 -2.71
C PHE A 347 10.09 -2.65 -1.75
N ALA A 348 9.83 -2.97 -0.48
CA ALA A 348 10.89 -3.06 0.51
C ALA A 348 11.89 -4.15 0.14
N LEU A 349 11.39 -5.33 -0.20
CA LEU A 349 12.28 -6.45 -0.53
C LEU A 349 13.22 -6.08 -1.66
N CYS A 350 12.72 -5.38 -2.68
CA CYS A 350 13.53 -5.08 -3.86
C CYS A 350 14.54 -3.98 -3.61
N TRP A 351 14.19 -2.99 -2.79
CA TRP A 351 15.04 -1.83 -2.60
C TRP A 351 16.01 -1.95 -1.44
N LEU A 352 15.68 -2.75 -0.43
CA LEU A 352 16.52 -2.80 0.76
C LEU A 352 17.95 -3.27 0.47
N PRO A 353 18.19 -4.28 -0.38
CA PRO A 353 19.57 -4.70 -0.62
C PRO A 353 20.50 -3.56 -1.02
N LEU A 354 20.08 -2.70 -1.94
CA LEU A 354 20.93 -1.59 -2.35
C LEU A 354 21.18 -0.63 -1.18
N HIS A 355 20.15 -0.33 -0.41
CA HIS A 355 20.34 0.53 0.76
C HIS A 355 21.28 -0.11 1.78
N ILE A 356 21.16 -1.43 1.97
CA ILE A 356 22.03 -2.11 2.92
C ILE A 356 23.47 -2.10 2.44
N ILE A 357 23.68 -2.28 1.13
CA ILE A 357 25.03 -2.18 0.59
C ILE A 357 25.59 -0.80 0.84
N ASN A 358 24.77 0.24 0.67
CA ASN A 358 25.21 1.60 0.96
C ASN A 358 25.58 1.74 2.43
N CYS A 359 24.80 1.10 3.32
CA CYS A 359 25.13 1.16 4.74
C CYS A 359 26.50 0.57 5.02
N PHE A 360 26.84 -0.53 4.34
CA PHE A 360 28.16 -1.12 4.52
C PHE A 360 29.24 -0.20 3.94
N THR A 361 28.98 0.37 2.76
CA THR A 361 29.96 1.27 2.16
C THR A 361 30.22 2.49 3.03
N PHE A 362 29.22 2.92 3.80
CA PHE A 362 29.30 4.15 4.58
C PHE A 362 29.78 3.88 6.01
N PHE A 363 29.19 2.90 6.69
CA PHE A 363 29.49 2.67 8.09
C PHE A 363 30.75 1.84 8.31
N CYS A 364 31.22 1.12 7.29
CA CYS A 364 32.43 0.31 7.40
C CYS A 364 33.41 0.67 6.30
N PRO A 365 34.23 1.71 6.51
CA PRO A 365 35.34 1.96 5.57
C PRO A 365 36.42 0.90 5.62
N ASP A 366 36.52 0.14 6.72
CA ASP A 366 37.47 -0.95 6.79
C ASP A 366 37.06 -2.12 5.90
N CYS A 367 35.77 -2.26 5.58
CA CYS A 367 35.31 -3.34 4.74
C CYS A 367 35.64 -3.07 3.28
N SER A 368 35.90 -4.15 2.54
CA SER A 368 36.03 -4.03 1.09
C SER A 368 34.69 -3.70 0.47
N HIS A 369 34.69 -2.78 -0.47
CA HIS A 369 33.44 -2.35 -1.10
C HIS A 369 32.77 -3.54 -1.78
N ALA A 370 31.45 -3.53 -1.75
CA ALA A 370 30.69 -4.61 -2.37
C ALA A 370 31.10 -4.76 -3.83
N PRO A 371 31.31 -5.98 -4.32
CA PRO A 371 31.82 -6.16 -5.68
C PRO A 371 30.88 -5.59 -6.73
N LEU A 372 31.46 -5.27 -7.88
CA LEU A 372 30.70 -4.59 -8.94
C LEU A 372 29.52 -5.43 -9.40
N TRP A 373 29.71 -6.74 -9.54
CA TRP A 373 28.61 -7.59 -9.99
C TRP A 373 27.46 -7.58 -8.98
N LEU A 374 27.80 -7.54 -7.68
CA LEU A 374 26.74 -7.48 -6.68
C LEU A 374 26.04 -6.12 -6.71
N MET A 375 26.81 -5.05 -6.95
CA MET A 375 26.19 -3.73 -7.08
C MET A 375 25.12 -3.73 -8.17
N TYR A 376 25.47 -4.21 -9.36
CA TYR A 376 24.52 -4.21 -10.46
C TYR A 376 23.38 -5.20 -10.22
N LEU A 377 23.65 -6.29 -9.52
CA LEU A 377 22.56 -7.19 -9.14
C LEU A 377 21.54 -6.48 -8.26
N ALA A 378 22.02 -5.68 -7.31
CA ALA A 378 21.11 -4.94 -6.44
C ALA A 378 20.36 -3.86 -7.21
N ILE A 379 21.05 -3.17 -8.12
CA ILE A 379 20.38 -2.16 -8.94
C ILE A 379 19.31 -2.82 -9.80
N VAL A 380 19.66 -3.94 -10.43
CA VAL A 380 18.70 -4.66 -11.28
C VAL A 380 17.50 -5.11 -10.46
N LEU A 381 17.72 -5.46 -9.19
CA LEU A 381 16.62 -5.90 -8.35
C LEU A 381 15.69 -4.73 -8.01
N ALA A 382 16.26 -3.60 -7.58
CA ALA A 382 15.44 -2.41 -7.35
C ALA A 382 14.60 -2.07 -8.56
N HIS A 383 15.21 -2.15 -9.77
CA HIS A 383 14.46 -1.87 -10.98
C HIS A 383 13.39 -2.92 -11.23
N THR A 384 13.69 -4.18 -10.93
CA THR A 384 12.70 -5.24 -11.09
C THR A 384 11.39 -4.90 -10.40
N ASN A 385 11.46 -4.13 -9.30
CA ASN A 385 10.24 -3.78 -8.57
C ASN A 385 9.21 -3.10 -9.47
N SER A 386 9.66 -2.41 -10.52
CA SER A 386 8.76 -1.72 -11.43
C SER A 386 8.04 -2.66 -12.39
N VAL A 387 8.28 -3.96 -12.30
CA VAL A 387 7.61 -4.94 -13.16
C VAL A 387 6.57 -5.77 -12.41
N VAL A 388 6.67 -5.89 -11.10
CA VAL A 388 5.89 -6.90 -10.40
C VAL A 388 4.46 -6.44 -10.12
N ASN A 389 4.25 -5.14 -9.91
CA ASN A 389 2.93 -4.68 -9.45
C ASN A 389 1.81 -5.09 -10.39
N PRO A 390 1.91 -4.90 -11.72
CA PRO A 390 0.83 -5.36 -12.61
C PRO A 390 0.48 -6.82 -12.41
N PHE A 391 1.47 -7.69 -12.19
CA PHE A 391 1.19 -9.10 -11.96
C PHE A 391 0.41 -9.30 -10.67
N ILE A 392 0.78 -8.58 -9.61
CA ILE A 392 0.05 -8.70 -8.35
C ILE A 392 -1.41 -8.30 -8.55
N TYR A 393 -1.66 -7.23 -9.29
CA TYR A 393 -3.03 -6.83 -9.56
C TYR A 393 -3.80 -7.92 -10.29
N ALA A 394 -3.18 -8.52 -11.32
CA ALA A 394 -3.88 -9.52 -12.11
C ALA A 394 -4.15 -10.79 -11.32
N TYR A 395 -3.27 -11.16 -10.41
CA TYR A 395 -3.42 -12.41 -9.67
C TYR A 395 -4.30 -12.27 -8.43
N ARG A 396 -4.47 -11.07 -7.89
CA ARG A 396 -5.20 -10.88 -6.64
C ARG A 396 -6.46 -10.03 -6.74
N ILE A 397 -6.63 -9.25 -7.80
CA ILE A 397 -7.78 -8.36 -7.94
C ILE A 397 -8.55 -8.77 -9.20
N ARG A 398 -9.77 -9.27 -9.00
CA ARG A 398 -10.53 -9.83 -10.12
C ARG A 398 -10.87 -8.77 -11.15
N GLU A 399 -11.22 -7.55 -10.70
CA GLU A 399 -11.59 -6.50 -11.62
C GLU A 399 -10.40 -6.13 -12.52
N PHE A 400 -9.20 -6.02 -11.94
CA PHE A 400 -8.02 -5.78 -12.76
C PHE A 400 -7.75 -6.94 -13.71
N ARG A 401 -7.88 -8.17 -13.21
CA ARG A 401 -7.65 -9.35 -14.05
C ARG A 401 -8.59 -9.36 -15.25
N GLN A 402 -9.88 -9.15 -15.01
CA GLN A 402 -10.85 -9.21 -16.10
C GLN A 402 -10.67 -8.04 -17.06
N THR A 403 -10.33 -6.87 -16.54
CA THR A 403 -10.06 -5.73 -17.41
C THR A 403 -8.83 -5.97 -18.27
N PHE A 404 -7.76 -6.53 -17.68
CA PHE A 404 -6.59 -6.89 -18.48
C PHE A 404 -6.98 -7.83 -19.61
N ARG A 405 -7.78 -8.84 -19.30
CA ARG A 405 -8.21 -9.80 -20.31
C ARG A 405 -8.94 -9.11 -21.45
N LYS A 406 -9.89 -8.24 -21.11
CA LYS A 406 -10.66 -7.54 -22.15
C LYS A 406 -9.75 -6.69 -23.03
N ILE A 407 -8.83 -5.95 -22.41
CA ILE A 407 -7.91 -5.11 -23.18
C ILE A 407 -7.06 -5.97 -24.12
N ILE A 408 -6.53 -7.07 -23.60
CA ILE A 408 -5.65 -7.91 -24.40
C ILE A 408 -6.42 -8.54 -25.56
N ARG A 409 -7.56 -9.16 -25.27
CA ARG A 409 -8.31 -9.85 -26.30
C ARG A 409 -8.67 -8.92 -27.45
N SER A 410 -9.00 -7.67 -27.15
CA SER A 410 -9.35 -6.69 -28.17
C SER A 410 -8.09 -6.25 -28.93
#